data_3RAR
#
_entry.id   3RAR
#
_cell.length_a   65.000
_cell.length_b   97.500
_cell.length_c   176.100
_cell.angle_alpha   90.00
_cell.angle_beta   90.00
_cell.angle_gamma   90.00
#
_symmetry.space_group_name_H-M   'C 2 2 21'
#
loop_
_entity.id
_entity.type
_entity.pdbx_description
1 polymer 'Lipase 1'
2 branched 2-acetamido-2-deoxy-beta-D-glucopyranose-(1-4)-2-acetamido-2-deoxy-beta-D-glucopyranose
3 non-polymer 2-acetamido-2-deoxy-beta-D-glucopyranose
4 non-polymer 'CALCIUM ION'
5 non-polymer 'methyl hydrogen (R)-[(R)-methoxy(phenyl)methyl]phosphonate'
6 water water
#
_entity_poly.entity_id   1
_entity_poly.type   'polypeptide(L)'
_entity_poly.pdbx_seq_one_letter_code
;APTATLANGDTITGLNAIINEAFLGIPFAEPPVGNLRFKDPVPYSGSLDGQKFTSYGPSCMQQNPEGTYEENLPKAALDL
VMQSKVFEAVSPSSEDCLTINVVRPPGTKAGANLPVMLWIFGGGFEVGGTSTFPPAQMITKSIAMGKPIIHVSVNYRVSS
WGFLAGDEIKAEGSANAGLKDQRLGMQWVADNIAAFGGDPTKVTIFGESAGSMSVMCHILWNDGDNTYKGKPLFRAGIMQ
SGAMVPSDAVDGIYGNEIFDLLASNAGCGSASDKLACLRGVSSDTLEDATNNTPGFLAYSSLRLSYLPRPDGVNITDDMY
ALVREGKYANIPVIIGDQNDEGTFFGTSSLNVTTDAQAREYFKQSFVHASDAEIDTLMTAYPGDITQGSPFDTGILNALT
PQFKRISAVLGDLGFTLARRYFLNHYTGGTKYSFLSKQLSGLPVLGTFHSNDIVFQDYLLGSGSLIYNNAFIAFATDLDP
NTAGLLVKWPEYTSSSQSGNNLMMINALGLYTGKDNFRTAGYDALFSNPPSFFV
;
_entity_poly.pdbx_strand_id   A
#
loop_
_chem_comp.id
_chem_comp.type
_chem_comp.name
_chem_comp.formula
CA non-polymer 'CALCIUM ION' 'Ca 2'
IAN non-polymer 'methyl hydrogen (R)-[(R)-methoxy(phenyl)methyl]phosphonate' 'C9 H13 O4 P'
NAG D-saccharide, beta linking 2-acetamido-2-deoxy-beta-D-glucopyranose 'C8 H15 N O6'
#
# COMPACT_ATOMS: atom_id res chain seq x y z
N ALA A 1 28.83 -4.91 -15.96
CA ALA A 1 29.96 -4.10 -15.40
C ALA A 1 29.72 -3.81 -13.91
N PRO A 2 28.56 -3.23 -13.56
CA PRO A 2 28.31 -2.94 -12.15
C PRO A 2 28.38 -4.23 -11.34
N THR A 3 29.15 -4.22 -10.25
CA THR A 3 29.27 -5.42 -9.43
C THR A 3 29.13 -5.08 -7.96
N ALA A 4 28.86 -6.10 -7.16
CA ALA A 4 28.70 -5.93 -5.72
C ALA A 4 28.96 -7.24 -5.01
N THR A 5 29.61 -7.17 -3.85
CA THR A 5 29.91 -8.37 -3.09
C THR A 5 29.03 -8.41 -1.84
N LEU A 6 28.05 -9.30 -1.84
CA LEU A 6 27.12 -9.44 -0.73
C LEU A 6 27.81 -9.81 0.57
N ALA A 7 27.04 -9.85 1.65
CA ALA A 7 27.57 -10.16 2.97
C ALA A 7 28.04 -11.60 3.14
N ASN A 8 27.65 -12.48 2.22
CA ASN A 8 28.07 -13.87 2.30
C ASN A 8 29.21 -14.17 1.34
N GLY A 9 29.88 -13.13 0.86
CA GLY A 9 30.99 -13.30 -0.05
C GLY A 9 30.64 -13.37 -1.53
N ASP A 10 29.39 -13.75 -1.83
CA ASP A 10 28.97 -13.84 -3.22
C ASP A 10 29.13 -12.49 -3.93
N THR A 11 29.61 -12.54 -5.16
CA THR A 11 29.80 -11.35 -5.97
C THR A 11 28.80 -11.42 -7.11
N ILE A 12 27.97 -10.38 -7.25
CA ILE A 12 26.97 -10.37 -8.31
C ILE A 12 27.16 -9.23 -9.31
N THR A 13 26.63 -9.43 -10.50
CA THR A 13 26.74 -8.45 -11.58
C THR A 13 25.38 -7.85 -11.93
N GLY A 14 25.37 -6.53 -12.16
CA GLY A 14 24.15 -5.84 -12.50
C GLY A 14 24.08 -5.39 -13.94
N LEU A 15 23.19 -4.44 -14.21
CA LEU A 15 22.99 -3.91 -15.55
C LEU A 15 23.27 -2.41 -15.60
N ASN A 16 24.13 -2.01 -16.52
CA ASN A 16 24.45 -0.59 -16.67
C ASN A 16 23.47 0.03 -17.65
N ALA A 17 22.54 0.82 -17.14
CA ALA A 17 21.53 1.47 -17.97
C ALA A 17 21.92 2.90 -18.31
N ILE A 18 23.16 3.28 -17.98
CA ILE A 18 23.67 4.62 -18.25
C ILE A 18 23.10 5.68 -17.30
N ILE A 19 21.79 5.88 -17.32
CA ILE A 19 21.19 6.87 -16.43
C ILE A 19 21.18 6.36 -15.00
N ASN A 20 21.51 5.08 -14.85
CA ASN A 20 21.59 4.44 -13.54
C ASN A 20 22.08 3.00 -13.69
N GLU A 21 22.48 2.40 -12.58
CA GLU A 21 22.96 1.04 -12.55
C GLU A 21 21.88 0.24 -11.84
N ALA A 22 21.59 -0.95 -12.34
CA ALA A 22 20.54 -1.75 -11.71
C ALA A 22 20.90 -3.19 -11.41
N PHE A 23 20.34 -3.69 -10.32
CA PHE A 23 20.56 -5.07 -9.89
C PHE A 23 19.15 -5.60 -9.67
N LEU A 24 18.59 -6.21 -10.71
CA LEU A 24 17.22 -6.70 -10.69
C LEU A 24 17.05 -8.20 -10.51
N GLY A 25 15.98 -8.57 -9.82
CA GLY A 25 15.67 -9.98 -9.61
C GLY A 25 16.47 -10.77 -8.59
N ILE A 26 17.07 -10.10 -7.62
CA ILE A 26 17.85 -10.80 -6.59
C ILE A 26 16.88 -11.53 -5.63
N PRO A 27 17.05 -12.85 -5.46
CA PRO A 27 16.16 -13.62 -4.56
C PRO A 27 16.55 -13.38 -3.10
N PHE A 28 15.59 -13.03 -2.25
CA PHE A 28 15.91 -12.81 -0.85
C PHE A 28 15.25 -13.85 0.04
N ALA A 29 14.51 -14.77 -0.55
CA ALA A 29 13.86 -15.82 0.21
C ALA A 29 13.67 -17.06 -0.65
N GLU A 30 13.48 -18.19 0.01
CA GLU A 30 13.25 -19.45 -0.70
C GLU A 30 11.83 -19.41 -1.26
N PRO A 31 11.60 -20.05 -2.41
CA PRO A 31 10.27 -20.07 -3.03
C PRO A 31 9.19 -20.53 -2.06
N PRO A 32 8.28 -19.63 -1.67
CA PRO A 32 7.21 -19.97 -0.73
C PRO A 32 6.19 -20.90 -1.40
N VAL A 33 6.71 -21.96 -2.00
CA VAL A 33 5.90 -22.93 -2.71
C VAL A 33 5.73 -24.26 -1.99
N GLY A 34 4.95 -25.16 -2.58
CA GLY A 34 4.71 -26.44 -1.96
C GLY A 34 4.10 -26.25 -0.59
N ASN A 35 4.71 -26.85 0.43
CA ASN A 35 4.20 -26.73 1.78
C ASN A 35 4.60 -25.44 2.48
N LEU A 36 5.32 -24.57 1.77
CA LEU A 36 5.72 -23.30 2.34
C LEU A 36 4.65 -22.25 2.07
N ARG A 37 3.66 -22.62 1.27
CA ARG A 37 2.55 -21.72 0.95
C ARG A 37 1.95 -21.12 2.21
N PHE A 38 1.55 -19.85 2.13
CA PHE A 38 0.94 -19.13 3.24
C PHE A 38 1.81 -18.98 4.48
N LYS A 39 3.00 -19.58 4.46
CA LYS A 39 3.88 -19.51 5.63
C LYS A 39 4.90 -18.37 5.59
N ASP A 40 5.43 -18.05 6.76
CA ASP A 40 6.44 -17.01 6.90
C ASP A 40 7.55 -17.28 5.90
N PRO A 41 8.10 -16.23 5.28
CA PRO A 41 9.17 -16.45 4.31
C PRO A 41 10.43 -16.99 4.97
N VAL A 42 11.23 -17.70 4.19
CA VAL A 42 12.47 -18.28 4.67
C VAL A 42 13.64 -17.61 3.95
N PRO A 43 14.65 -17.16 4.71
CA PRO A 43 15.82 -16.50 4.11
C PRO A 43 16.46 -17.38 3.05
N TYR A 44 16.87 -16.77 1.95
CA TYR A 44 17.50 -17.49 0.85
C TYR A 44 18.82 -18.09 1.32
N SER A 45 19.07 -19.34 0.95
CA SER A 45 20.30 -20.02 1.36
C SER A 45 21.29 -20.20 0.22
N GLY A 46 20.77 -20.35 -1.00
CA GLY A 46 21.64 -20.53 -2.16
C GLY A 46 22.71 -19.48 -2.33
N SER A 47 23.70 -19.80 -3.17
CA SER A 47 24.80 -18.88 -3.45
C SER A 47 24.41 -18.11 -4.71
N LEU A 48 24.89 -16.88 -4.81
CA LEU A 48 24.58 -16.02 -5.96
C LEU A 48 25.86 -15.64 -6.69
N ASP A 49 26.99 -16.12 -6.18
CA ASP A 49 28.30 -15.84 -6.77
C ASP A 49 28.32 -16.09 -8.27
N GLY A 50 28.81 -15.10 -9.02
CA GLY A 50 28.90 -15.22 -10.47
C GLY A 50 27.63 -15.03 -11.27
N GLN A 51 26.50 -14.84 -10.60
CA GLN A 51 25.24 -14.66 -11.31
C GLN A 51 24.95 -13.21 -11.70
N LYS A 52 24.21 -13.04 -12.79
CA LYS A 52 23.85 -11.72 -13.26
C LYS A 52 22.40 -11.41 -12.89
N PHE A 53 22.13 -10.15 -12.60
CA PHE A 53 20.78 -9.73 -12.25
C PHE A 53 20.48 -8.48 -13.05
N THR A 54 20.08 -8.71 -14.30
CA THR A 54 19.79 -7.63 -15.23
C THR A 54 18.33 -7.46 -15.66
N SER A 55 17.41 -8.16 -15.01
CA SER A 55 15.98 -8.01 -15.35
C SER A 55 15.09 -8.40 -14.18
N TYR A 56 13.93 -7.75 -14.11
CA TYR A 56 12.96 -8.00 -13.05
C TYR A 56 12.48 -9.44 -13.09
N GLY A 57 12.28 -10.02 -11.91
CA GLY A 57 11.79 -11.37 -11.85
C GLY A 57 10.28 -11.36 -11.98
N PRO A 58 9.62 -12.52 -11.98
CA PRO A 58 8.15 -12.51 -12.10
C PRO A 58 7.52 -11.93 -10.85
N SER A 59 6.31 -11.39 -11.01
CA SER A 59 5.56 -10.83 -9.89
C SER A 59 4.91 -12.02 -9.21
N CYS A 60 4.40 -11.82 -8.00
CA CYS A 60 3.74 -12.92 -7.32
C CYS A 60 2.40 -13.12 -8.02
N MET A 61 1.71 -14.22 -7.75
CA MET A 61 0.43 -14.47 -8.38
C MET A 61 -0.52 -13.28 -8.16
N GLN A 62 -1.28 -12.94 -9.19
CA GLN A 62 -2.19 -11.81 -9.13
C GLN A 62 -3.65 -12.27 -9.12
N GLN A 63 -4.49 -11.52 -8.41
CA GLN A 63 -5.91 -11.84 -8.35
C GLN A 63 -6.68 -10.89 -9.27
N ASN A 64 -7.62 -11.45 -10.02
CA ASN A 64 -8.45 -10.66 -10.92
C ASN A 64 -9.18 -9.60 -10.08
N PRO A 65 -8.95 -8.31 -10.38
CA PRO A 65 -9.58 -7.20 -9.66
C PRO A 65 -11.11 -7.29 -9.66
N GLU A 66 -11.66 -7.87 -10.73
CA GLU A 66 -13.10 -8.02 -10.84
C GLU A 66 -13.51 -9.42 -10.39
N GLY A 67 -12.58 -10.13 -9.77
CA GLY A 67 -12.87 -11.46 -9.30
C GLY A 67 -14.05 -11.44 -8.35
N THR A 68 -14.80 -12.54 -8.30
CA THR A 68 -15.97 -12.65 -7.43
C THR A 68 -16.62 -14.02 -7.62
N TYR A 69 -17.38 -14.48 -6.62
CA TYR A 69 -18.04 -15.78 -6.74
C TYR A 69 -19.15 -15.66 -7.77
N GLU A 70 -19.64 -14.44 -7.98
CA GLU A 70 -20.68 -14.19 -8.98
C GLU A 70 -20.05 -14.38 -10.36
N GLU A 71 -20.85 -14.19 -11.40
CA GLU A 71 -20.37 -14.33 -12.77
C GLU A 71 -20.87 -13.14 -13.58
N ASN A 72 -19.96 -12.31 -14.08
CA ASN A 72 -20.35 -11.14 -14.87
C ASN A 72 -19.37 -10.87 -16.01
N LEU A 73 -19.63 -9.81 -16.77
CA LEU A 73 -18.79 -9.44 -17.90
C LEU A 73 -17.40 -8.92 -17.51
N PRO A 74 -17.33 -7.94 -16.59
CA PRO A 74 -16.05 -7.39 -16.16
C PRO A 74 -15.08 -8.49 -15.77
N LYS A 75 -15.59 -9.44 -14.98
CA LYS A 75 -14.79 -10.56 -14.51
C LYS A 75 -14.31 -11.41 -15.69
N ALA A 76 -15.24 -11.74 -16.58
CA ALA A 76 -14.91 -12.55 -17.75
C ALA A 76 -13.93 -11.83 -18.66
N ALA A 77 -14.07 -10.50 -18.77
CA ALA A 77 -13.20 -9.70 -19.61
C ALA A 77 -11.76 -9.68 -19.10
N LEU A 78 -11.59 -9.31 -17.83
CA LEU A 78 -10.27 -9.25 -17.23
C LEU A 78 -9.60 -10.61 -17.27
N ASP A 79 -10.38 -11.64 -16.98
CA ASP A 79 -9.87 -13.01 -16.97
C ASP A 79 -9.32 -13.38 -18.34
N LEU A 80 -10.03 -12.98 -19.38
CA LEU A 80 -9.63 -13.24 -20.76
C LEU A 80 -8.27 -12.58 -21.02
N VAL A 81 -8.10 -11.37 -20.51
CA VAL A 81 -6.87 -10.64 -20.70
C VAL A 81 -5.73 -11.25 -19.89
N MET A 82 -5.90 -11.27 -18.57
CA MET A 82 -4.88 -11.81 -17.68
C MET A 82 -4.43 -13.24 -17.96
N GLN A 83 -5.14 -13.97 -18.81
CA GLN A 83 -4.75 -15.34 -19.11
C GLN A 83 -4.14 -15.49 -20.49
N SER A 84 -4.14 -14.39 -21.24
CA SER A 84 -3.59 -14.40 -22.58
C SER A 84 -2.08 -14.60 -22.52
N LYS A 85 -1.54 -15.29 -23.52
CA LYS A 85 -0.11 -15.54 -23.56
C LYS A 85 0.63 -14.22 -23.71
N VAL A 86 -0.03 -13.25 -24.34
CA VAL A 86 0.57 -11.94 -24.54
C VAL A 86 0.75 -11.28 -23.17
N PHE A 87 -0.28 -11.34 -22.34
CA PHE A 87 -0.23 -10.76 -21.01
C PHE A 87 0.79 -11.47 -20.11
N GLU A 88 0.79 -12.79 -20.13
CA GLU A 88 1.71 -13.54 -19.30
C GLU A 88 3.14 -13.40 -19.82
N ALA A 89 3.26 -12.81 -21.01
CA ALA A 89 4.55 -12.60 -21.62
C ALA A 89 5.14 -11.28 -21.16
N VAL A 90 4.36 -10.21 -21.27
CA VAL A 90 4.79 -8.88 -20.86
C VAL A 90 4.84 -8.75 -19.34
N SER A 91 3.89 -9.38 -18.67
CA SER A 91 3.82 -9.32 -17.22
C SER A 91 3.70 -10.72 -16.58
N PRO A 92 4.82 -11.43 -16.47
CA PRO A 92 4.82 -12.77 -15.88
C PRO A 92 4.63 -12.77 -14.37
N SER A 93 3.97 -13.81 -13.86
CA SER A 93 3.72 -13.94 -12.44
C SER A 93 4.01 -15.38 -12.04
N SER A 94 4.40 -15.58 -10.78
CA SER A 94 4.71 -16.92 -10.28
C SER A 94 4.66 -16.95 -8.76
N GLU A 95 4.61 -18.15 -8.19
CA GLU A 95 4.61 -18.27 -6.73
C GLU A 95 6.03 -18.08 -6.25
N ASP A 96 6.99 -18.31 -7.14
CA ASP A 96 8.40 -18.09 -6.82
C ASP A 96 8.60 -16.66 -7.32
N CYS A 97 8.41 -15.70 -6.42
CA CYS A 97 8.45 -14.29 -6.78
C CYS A 97 9.12 -13.38 -5.76
N LEU A 98 9.64 -13.95 -4.68
CA LEU A 98 10.26 -13.15 -3.63
C LEU A 98 11.65 -12.61 -3.98
N THR A 99 11.68 -11.62 -4.84
CA THR A 99 12.94 -11.02 -5.27
C THR A 99 13.00 -9.54 -4.86
N ILE A 100 14.20 -8.99 -4.89
CA ILE A 100 14.40 -7.60 -4.53
C ILE A 100 15.24 -6.90 -5.59
N ASN A 101 15.03 -5.59 -5.77
CA ASN A 101 15.75 -4.81 -6.77
C ASN A 101 16.48 -3.62 -6.17
N VAL A 102 17.69 -3.36 -6.65
CA VAL A 102 18.48 -2.24 -6.17
C VAL A 102 18.95 -1.40 -7.36
N VAL A 103 18.53 -0.14 -7.43
CA VAL A 103 18.93 0.73 -8.52
C VAL A 103 19.63 1.94 -7.89
N ARG A 104 20.81 2.29 -8.40
CA ARG A 104 21.56 3.40 -7.82
C ARG A 104 22.07 4.34 -8.89
N PRO A 105 22.63 5.49 -8.47
CA PRO A 105 23.17 6.47 -9.43
C PRO A 105 24.42 5.88 -10.09
N PRO A 106 24.68 6.25 -11.36
CA PRO A 106 25.85 5.73 -12.04
C PRO A 106 27.16 6.10 -11.33
N GLY A 107 28.09 5.15 -11.27
CA GLY A 107 29.36 5.41 -10.62
C GLY A 107 29.34 5.21 -9.12
N THR A 108 28.16 4.94 -8.57
CA THR A 108 28.03 4.72 -7.13
C THR A 108 28.84 3.48 -6.77
N LYS A 109 29.65 3.58 -5.73
CA LYS A 109 30.47 2.45 -5.29
C LYS A 109 30.25 2.10 -3.83
N ALA A 110 30.73 0.93 -3.43
CA ALA A 110 30.59 0.49 -2.05
C ALA A 110 31.16 1.53 -1.11
N GLY A 111 30.47 1.76 0.01
CA GLY A 111 30.94 2.74 0.97
C GLY A 111 30.44 4.16 0.74
N ALA A 112 29.73 4.38 -0.37
CA ALA A 112 29.19 5.70 -0.68
C ALA A 112 28.29 6.21 0.45
N ASN A 113 27.60 5.28 1.11
CA ASN A 113 26.69 5.59 2.21
C ASN A 113 25.58 6.57 1.86
N LEU A 114 24.96 6.36 0.70
CA LEU A 114 23.86 7.22 0.25
C LEU A 114 22.57 6.82 0.95
N PRO A 115 21.63 7.78 1.12
CA PRO A 115 20.38 7.43 1.79
C PRO A 115 19.63 6.42 0.91
N VAL A 116 18.80 5.60 1.54
CA VAL A 116 18.04 4.58 0.82
C VAL A 116 16.53 4.77 0.90
N MET A 117 15.88 4.68 -0.26
CA MET A 117 14.43 4.79 -0.33
C MET A 117 13.93 3.39 -0.71
N LEU A 118 13.28 2.73 0.25
CA LEU A 118 12.77 1.38 0.04
C LEU A 118 11.27 1.45 -0.25
N TRP A 119 10.94 1.24 -1.53
CA TRP A 119 9.57 1.29 -2.03
C TRP A 119 8.74 0.02 -1.85
N ILE A 120 7.50 0.20 -1.35
CA ILE A 120 6.58 -0.90 -1.15
C ILE A 120 5.37 -0.55 -2.02
N PHE A 121 5.16 -1.32 -3.08
CA PHE A 121 4.06 -1.07 -3.99
C PHE A 121 2.69 -1.39 -3.40
N GLY A 122 1.66 -0.76 -3.94
CA GLY A 122 0.31 -1.00 -3.48
C GLY A 122 -0.51 -1.56 -4.62
N GLY A 123 -1.56 -2.30 -4.29
CA GLY A 123 -2.41 -2.87 -5.31
C GLY A 123 -3.58 -3.58 -4.66
N GLY A 124 -4.19 -2.90 -3.70
CA GLY A 124 -5.32 -3.47 -2.98
C GLY A 124 -4.99 -4.77 -2.27
N PHE A 125 -3.69 -5.01 -2.03
CA PHE A 125 -3.22 -6.24 -1.37
C PHE A 125 -3.64 -7.47 -2.16
N GLU A 126 -3.96 -7.27 -3.45
CA GLU A 126 -4.41 -8.35 -4.31
C GLU A 126 -3.70 -8.46 -5.67
N VAL A 127 -3.03 -7.39 -6.08
CA VAL A 127 -2.27 -7.38 -7.34
C VAL A 127 -1.05 -6.48 -7.11
N GLY A 128 -0.13 -6.48 -8.06
CA GLY A 128 1.05 -5.65 -7.92
C GLY A 128 2.38 -6.34 -8.19
N GLY A 129 3.36 -5.52 -8.53
CA GLY A 129 4.70 -5.98 -8.82
C GLY A 129 5.62 -4.78 -8.82
N THR A 130 6.92 -5.01 -8.65
CA THR A 130 7.89 -3.93 -8.60
C THR A 130 8.27 -3.36 -9.97
N SER A 131 8.15 -4.19 -10.99
CA SER A 131 8.53 -3.75 -12.33
C SER A 131 7.72 -2.60 -12.93
N THR A 132 6.52 -2.34 -12.41
CA THR A 132 5.70 -1.26 -12.97
C THR A 132 5.87 0.07 -12.24
N PHE A 133 6.95 0.21 -11.48
CA PHE A 133 7.21 1.44 -10.74
C PHE A 133 8.63 1.93 -11.02
N PRO A 134 8.85 2.50 -12.21
CA PRO A 134 10.13 3.03 -12.68
C PRO A 134 10.80 3.97 -11.68
N PRO A 135 12.05 3.67 -11.27
CA PRO A 135 12.80 4.48 -10.31
C PRO A 135 13.67 5.57 -10.94
N ALA A 136 13.80 5.54 -12.26
CA ALA A 136 14.64 6.50 -12.98
C ALA A 136 14.33 7.97 -12.69
N GLN A 137 13.04 8.32 -12.67
CA GLN A 137 12.65 9.70 -12.42
C GLN A 137 13.18 10.17 -11.07
N MET A 138 12.98 9.37 -10.04
CA MET A 138 13.43 9.70 -8.69
C MET A 138 14.96 9.81 -8.63
N ILE A 139 15.64 8.79 -9.13
CA ILE A 139 17.10 8.77 -9.13
C ILE A 139 17.73 9.94 -9.86
N THR A 140 17.29 10.18 -11.08
CA THR A 140 17.84 11.28 -11.86
C THR A 140 17.61 12.59 -11.12
N LYS A 141 16.40 12.78 -10.61
CA LYS A 141 16.07 14.00 -9.89
C LYS A 141 16.97 14.19 -8.68
N SER A 142 17.18 13.11 -7.91
CA SER A 142 18.02 13.18 -6.72
C SER A 142 19.45 13.59 -7.07
N ILE A 143 19.92 13.18 -8.24
CA ILE A 143 21.26 13.53 -8.68
C ILE A 143 21.35 15.01 -9.01
N ALA A 144 20.40 15.48 -9.82
CA ALA A 144 20.36 16.88 -10.22
C ALA A 144 20.19 17.79 -9.01
N MET A 145 19.68 17.24 -7.91
CA MET A 145 19.47 18.01 -6.67
C MET A 145 20.72 17.98 -5.78
N GLY A 146 21.69 17.14 -6.13
CA GLY A 146 22.88 17.04 -5.32
C GLY A 146 22.60 16.21 -4.08
N LYS A 147 21.56 15.38 -4.15
CA LYS A 147 21.21 14.52 -3.04
C LYS A 147 20.88 13.13 -3.59
N PRO A 148 21.89 12.46 -4.16
CA PRO A 148 21.72 11.13 -4.73
C PRO A 148 21.21 10.13 -3.72
N ILE A 149 20.24 9.32 -4.15
CA ILE A 149 19.67 8.31 -3.29
C ILE A 149 19.67 6.99 -4.04
N ILE A 150 19.52 5.90 -3.29
CA ILE A 150 19.47 4.56 -3.87
C ILE A 150 18.04 4.04 -3.75
N HIS A 151 17.50 3.54 -4.85
CA HIS A 151 16.13 3.05 -4.86
C HIS A 151 16.08 1.53 -4.72
N VAL A 152 15.32 1.07 -3.73
CA VAL A 152 15.16 -0.36 -3.46
C VAL A 152 13.68 -0.72 -3.48
N SER A 153 13.32 -1.75 -4.24
CA SER A 153 11.93 -2.18 -4.32
C SER A 153 11.84 -3.67 -3.98
N VAL A 154 10.82 -4.06 -3.23
CA VAL A 154 10.67 -5.45 -2.84
C VAL A 154 9.34 -6.09 -3.23
N ASN A 155 9.43 -7.30 -3.76
CA ASN A 155 8.21 -8.03 -4.12
C ASN A 155 7.69 -8.68 -2.83
N TYR A 156 6.39 -8.90 -2.77
CA TYR A 156 5.80 -9.58 -1.64
C TYR A 156 4.53 -10.24 -2.13
N ARG A 157 4.11 -11.30 -1.43
CA ARG A 157 2.92 -12.04 -1.79
C ARG A 157 1.64 -11.23 -1.53
N VAL A 158 0.71 -11.28 -2.48
CA VAL A 158 -0.56 -10.58 -2.38
C VAL A 158 -1.73 -11.55 -2.57
N SER A 159 -2.93 -11.09 -2.23
CA SER A 159 -4.14 -11.90 -2.37
C SER A 159 -4.11 -13.10 -1.41
N SER A 160 -4.82 -14.16 -1.76
CA SER A 160 -4.86 -15.36 -0.89
C SER A 160 -3.47 -15.89 -0.56
N TRP A 161 -2.51 -15.69 -1.45
CA TRP A 161 -1.16 -16.17 -1.23
C TRP A 161 -0.44 -15.47 -0.06
N GLY A 162 -0.69 -14.18 0.11
CA GLY A 162 -0.02 -13.44 1.17
C GLY A 162 -0.88 -12.95 2.31
N PHE A 163 -2.19 -12.94 2.14
CA PHE A 163 -3.06 -12.46 3.19
C PHE A 163 -4.24 -13.36 3.54
N LEU A 164 -4.01 -14.66 3.49
CA LEU A 164 -5.06 -15.61 3.84
C LEU A 164 -5.21 -15.45 5.36
N ALA A 165 -6.44 -15.57 5.85
CA ALA A 165 -6.71 -15.43 7.26
C ALA A 165 -7.61 -16.56 7.76
N GLY A 166 -8.16 -16.39 8.96
CA GLY A 166 -9.04 -17.41 9.52
C GLY A 166 -8.49 -18.10 10.75
N ASP A 167 -9.30 -18.94 11.36
CA ASP A 167 -8.90 -19.70 12.55
C ASP A 167 -7.65 -20.55 12.31
N GLU A 168 -7.62 -21.30 11.21
CA GLU A 168 -6.48 -22.15 10.90
C GLU A 168 -5.18 -21.37 10.79
N ILE A 169 -5.21 -20.29 10.01
CA ILE A 169 -4.03 -19.44 9.82
C ILE A 169 -3.53 -18.90 11.16
N LYS A 170 -4.46 -18.42 11.97
CA LYS A 170 -4.09 -17.88 13.28
C LYS A 170 -3.42 -18.94 14.14
N ALA A 171 -4.03 -20.11 14.22
CA ALA A 171 -3.48 -21.19 15.03
C ALA A 171 -2.07 -21.54 14.57
N GLU A 172 -1.81 -21.40 13.28
CA GLU A 172 -0.50 -21.71 12.72
C GLU A 172 0.53 -20.61 12.94
N GLY A 173 0.07 -19.38 13.15
CA GLY A 173 0.98 -18.27 13.32
C GLY A 173 1.49 -17.84 11.97
N SER A 174 0.66 -18.03 10.94
CA SER A 174 1.01 -17.67 9.58
C SER A 174 0.29 -16.42 9.05
N ALA A 175 -0.22 -15.60 9.95
CA ALA A 175 -0.92 -14.39 9.55
C ALA A 175 -0.02 -13.32 8.94
N ASN A 176 -0.59 -12.58 7.99
CA ASN A 176 0.12 -11.48 7.31
C ASN A 176 1.44 -11.86 6.64
N ALA A 177 1.41 -12.92 5.85
CA ALA A 177 2.61 -13.39 5.15
C ALA A 177 3.18 -12.32 4.21
N GLY A 178 2.29 -11.51 3.61
CA GLY A 178 2.73 -10.47 2.71
C GLY A 178 3.58 -9.42 3.38
N LEU A 179 3.17 -9.01 4.58
CA LEU A 179 3.92 -8.02 5.35
C LEU A 179 5.24 -8.62 5.82
N LYS A 180 5.23 -9.92 6.11
CA LYS A 180 6.43 -10.61 6.57
C LYS A 180 7.47 -10.69 5.45
N ASP A 181 7.00 -10.79 4.21
CA ASP A 181 7.91 -10.83 3.06
C ASP A 181 8.62 -9.47 3.01
N GLN A 182 7.86 -8.40 3.21
CA GLN A 182 8.42 -7.04 3.19
C GLN A 182 9.45 -6.89 4.30
N ARG A 183 9.09 -7.36 5.49
CA ARG A 183 9.96 -7.26 6.66
C ARG A 183 11.30 -7.96 6.42
N LEU A 184 11.26 -9.12 5.79
CA LEU A 184 12.49 -9.85 5.51
C LEU A 184 13.29 -9.03 4.51
N GLY A 185 12.59 -8.38 3.59
CA GLY A 185 13.25 -7.56 2.59
C GLY A 185 14.05 -6.45 3.24
N MET A 186 13.48 -5.84 4.26
CA MET A 186 14.13 -4.76 5.01
C MET A 186 15.38 -5.27 5.72
N GLN A 187 15.29 -6.47 6.29
CA GLN A 187 16.44 -7.04 6.99
C GLN A 187 17.54 -7.35 6.00
N TRP A 188 17.14 -7.74 4.79
CA TRP A 188 18.10 -8.04 3.73
C TRP A 188 18.84 -6.75 3.40
N VAL A 189 18.12 -5.63 3.41
CA VAL A 189 18.71 -4.33 3.11
C VAL A 189 19.72 -3.95 4.19
N ALA A 190 19.34 -4.19 5.44
CA ALA A 190 20.21 -3.87 6.57
C ALA A 190 21.55 -4.59 6.47
N ASP A 191 21.51 -5.86 6.07
CA ASP A 191 22.71 -6.67 5.97
C ASP A 191 23.52 -6.54 4.68
N ASN A 192 22.89 -6.12 3.59
CA ASN A 192 23.60 -6.04 2.31
C ASN A 192 23.66 -4.70 1.56
N ILE A 193 22.83 -3.73 1.93
CA ILE A 193 22.82 -2.46 1.20
C ILE A 193 24.17 -1.75 1.12
N ALA A 194 24.99 -1.90 2.15
CA ALA A 194 26.30 -1.24 2.17
C ALA A 194 27.14 -1.61 0.94
N ALA A 195 26.99 -2.85 0.49
CA ALA A 195 27.74 -3.33 -0.67
C ALA A 195 27.39 -2.61 -1.97
N PHE A 196 26.22 -1.98 -2.00
CA PHE A 196 25.78 -1.27 -3.21
C PHE A 196 26.03 0.24 -3.12
N GLY A 197 26.47 0.70 -1.96
CA GLY A 197 26.73 2.12 -1.79
C GLY A 197 25.74 2.81 -0.88
N GLY A 198 24.77 2.05 -0.37
CA GLY A 198 23.77 2.63 0.51
C GLY A 198 24.15 2.56 1.97
N ASP A 199 23.62 3.49 2.76
CA ASP A 199 23.87 3.53 4.19
C ASP A 199 22.67 2.90 4.91
N PRO A 200 22.85 1.70 5.49
CA PRO A 200 21.77 1.02 6.20
C PRO A 200 21.09 1.81 7.32
N THR A 201 21.76 2.85 7.82
CA THR A 201 21.18 3.66 8.91
C THR A 201 20.36 4.83 8.36
N LYS A 202 20.28 4.94 7.04
CA LYS A 202 19.54 6.00 6.40
C LYS A 202 18.49 5.45 5.46
N VAL A 203 17.66 4.53 5.98
CA VAL A 203 16.61 3.93 5.18
C VAL A 203 15.27 4.60 5.46
N THR A 204 14.62 5.06 4.41
CA THR A 204 13.31 5.68 4.50
C THR A 204 12.37 4.76 3.72
N ILE A 205 11.31 4.28 4.37
CA ILE A 205 10.36 3.40 3.70
C ILE A 205 9.17 4.20 3.21
N PHE A 206 8.81 4.01 1.94
CA PHE A 206 7.68 4.71 1.38
C PHE A 206 6.88 3.79 0.45
N GLY A 207 5.57 4.05 0.36
CA GLY A 207 4.70 3.25 -0.47
C GLY A 207 3.44 4.01 -0.72
N GLU A 208 2.67 3.57 -1.71
CA GLU A 208 1.42 4.23 -2.04
C GLU A 208 0.24 3.27 -1.88
N SER A 209 -0.88 3.81 -1.42
CA SER A 209 -2.08 3.01 -1.23
C SER A 209 -1.81 1.78 -0.34
N ALA A 210 -1.97 0.58 -0.88
CA ALA A 210 -1.72 -0.63 -0.09
C ALA A 210 -0.29 -0.61 0.42
N GLY A 211 0.60 0.00 -0.37
CA GLY A 211 1.98 0.09 0.02
C GLY A 211 2.11 1.08 1.17
N SER A 212 1.23 2.09 1.17
CA SER A 212 1.22 3.12 2.21
C SER A 212 0.72 2.53 3.52
N MET A 213 -0.31 1.70 3.43
CA MET A 213 -0.86 1.05 4.61
C MET A 213 0.18 0.08 5.16
N SER A 214 0.99 -0.49 4.26
CA SER A 214 2.06 -1.41 4.65
C SER A 214 3.06 -0.67 5.52
N VAL A 215 3.45 0.51 5.07
CA VAL A 215 4.36 1.36 5.81
C VAL A 215 3.83 1.58 7.24
N MET A 216 2.55 1.92 7.35
CA MET A 216 1.94 2.13 8.66
C MET A 216 2.08 0.85 9.50
N CYS A 217 1.77 -0.29 8.88
CA CYS A 217 1.88 -1.58 9.56
C CYS A 217 3.29 -1.82 10.10
N HIS A 218 4.30 -1.39 9.35
CA HIS A 218 5.69 -1.57 9.78
C HIS A 218 6.05 -0.70 10.97
N ILE A 219 5.38 0.45 11.06
CA ILE A 219 5.58 1.38 12.15
C ILE A 219 4.99 0.79 13.43
N LEU A 220 3.90 0.05 13.28
CA LEU A 220 3.21 -0.59 14.40
C LEU A 220 3.66 -2.02 14.68
N TRP A 221 4.46 -2.58 13.79
CA TRP A 221 4.95 -3.95 13.92
C TRP A 221 5.70 -4.20 15.23
N ASN A 222 5.37 -5.29 15.89
CA ASN A 222 6.00 -5.66 17.16
C ASN A 222 5.89 -4.55 18.18
N ASP A 223 4.73 -3.90 18.18
CA ASP A 223 4.42 -2.82 19.10
C ASP A 223 5.32 -1.60 18.97
N GLY A 224 5.97 -1.48 17.82
CA GLY A 224 6.82 -0.33 17.60
C GLY A 224 8.30 -0.61 17.52
N ASP A 225 8.73 -1.79 17.96
CA ASP A 225 10.14 -2.10 17.91
C ASP A 225 10.56 -2.49 16.49
N ASN A 226 11.19 -1.55 15.80
CA ASN A 226 11.64 -1.77 14.44
C ASN A 226 13.14 -2.06 14.37
N THR A 227 13.67 -2.70 15.40
CA THR A 227 15.09 -3.01 15.42
C THR A 227 15.42 -4.38 14.87
N TYR A 228 16.66 -4.50 14.39
CA TYR A 228 17.17 -5.74 13.84
C TYR A 228 18.63 -5.72 14.21
N LYS A 229 19.09 -6.76 14.88
CA LYS A 229 20.49 -6.83 15.30
C LYS A 229 20.85 -5.58 16.09
N GLY A 230 19.92 -5.08 16.89
CA GLY A 230 20.18 -3.91 17.70
C GLY A 230 20.01 -2.55 17.03
N LYS A 231 19.73 -2.53 15.73
CA LYS A 231 19.56 -1.27 15.02
C LYS A 231 18.24 -1.18 14.25
N PRO A 232 17.67 0.03 14.15
CA PRO A 232 16.41 0.29 13.44
C PRO A 232 16.51 -0.11 11.98
N LEU A 233 15.42 -0.67 11.46
CA LEU A 233 15.38 -1.07 10.06
C LEU A 233 15.16 0.15 9.16
N PHE A 234 14.55 1.19 9.71
CA PHE A 234 14.29 2.42 8.97
C PHE A 234 14.25 3.65 9.90
N ARG A 235 14.64 4.81 9.37
CA ARG A 235 14.66 6.04 10.17
C ARG A 235 13.50 7.00 9.84
N ALA A 236 12.67 6.62 8.89
CA ALA A 236 11.54 7.46 8.50
C ALA A 236 10.63 6.79 7.49
N GLY A 237 9.43 7.35 7.32
CA GLY A 237 8.48 6.80 6.38
C GLY A 237 7.65 7.84 5.64
N ILE A 238 7.25 7.49 4.43
CA ILE A 238 6.44 8.36 3.59
C ILE A 238 5.21 7.57 3.19
N MET A 239 4.04 8.05 3.60
CA MET A 239 2.80 7.38 3.29
C MET A 239 1.95 8.13 2.28
N GLN A 240 1.89 7.59 1.07
CA GLN A 240 1.12 8.18 -0.02
C GLN A 240 -0.23 7.48 -0.15
N SER A 241 -1.26 8.08 0.43
CA SER A 241 -2.62 7.55 0.38
C SER A 241 -2.83 6.22 1.13
N GLY A 242 -2.89 6.27 2.45
CA GLY A 242 -3.10 5.06 3.22
C GLY A 242 -2.46 5.10 4.60
N ALA A 243 -3.28 4.97 5.64
CA ALA A 243 -2.79 5.00 7.02
C ALA A 243 -3.07 3.64 7.67
N MET A 244 -3.82 3.62 8.77
CA MET A 244 -4.13 2.36 9.43
C MET A 244 -5.17 1.59 8.62
N VAL A 245 -5.10 0.27 8.67
CA VAL A 245 -6.06 -0.59 7.98
C VAL A 245 -7.21 -0.82 8.96
N PRO A 246 -8.46 -0.50 8.58
CA PRO A 246 -9.61 -0.68 9.46
C PRO A 246 -10.12 -2.12 9.41
N SER A 247 -9.35 -3.04 9.98
CA SER A 247 -9.71 -4.45 9.93
C SER A 247 -9.83 -5.20 11.25
N ASP A 248 -10.68 -6.23 11.23
CA ASP A 248 -10.89 -7.11 12.38
C ASP A 248 -9.69 -8.05 12.50
N ALA A 249 -9.62 -8.74 13.63
CA ALA A 249 -8.55 -9.69 13.91
C ALA A 249 -8.51 -10.73 12.80
N VAL A 250 -7.38 -11.41 12.69
CA VAL A 250 -7.21 -12.41 11.65
C VAL A 250 -8.22 -13.55 11.75
N ASP A 251 -8.64 -13.88 12.96
CA ASP A 251 -9.62 -14.95 13.12
C ASP A 251 -11.02 -14.38 13.31
N GLY A 252 -11.23 -13.17 12.78
CA GLY A 252 -12.52 -12.53 12.87
C GLY A 252 -13.55 -13.19 11.97
N ILE A 253 -14.70 -12.54 11.83
CA ILE A 253 -15.79 -13.09 11.01
C ILE A 253 -15.54 -13.15 9.51
N TYR A 254 -15.14 -12.03 8.91
CA TYR A 254 -14.90 -12.04 7.47
C TYR A 254 -13.62 -12.77 7.10
N GLY A 255 -12.66 -12.79 8.02
CA GLY A 255 -11.42 -13.51 7.77
C GLY A 255 -11.75 -14.96 7.55
N ASN A 256 -12.60 -15.52 8.41
CA ASN A 256 -13.01 -16.92 8.29
C ASN A 256 -13.95 -17.15 7.11
N GLU A 257 -14.90 -16.25 6.91
CA GLU A 257 -15.83 -16.39 5.78
C GLU A 257 -15.09 -16.60 4.48
N ILE A 258 -14.11 -15.72 4.22
CA ILE A 258 -13.32 -15.82 3.00
C ILE A 258 -12.51 -17.11 2.92
N PHE A 259 -11.90 -17.51 4.03
CA PHE A 259 -11.13 -18.74 4.03
C PHE A 259 -11.97 -19.95 3.64
N ASP A 260 -13.20 -20.01 4.16
CA ASP A 260 -14.07 -21.13 3.83
C ASP A 260 -14.47 -21.11 2.37
N LEU A 261 -14.82 -19.92 1.87
CA LEU A 261 -15.21 -19.79 0.47
C LEU A 261 -14.09 -20.26 -0.44
N LEU A 262 -12.87 -19.79 -0.17
CA LEU A 262 -11.71 -20.17 -0.97
C LEU A 262 -11.51 -21.68 -0.96
N ALA A 263 -11.60 -22.29 0.23
CA ALA A 263 -11.42 -23.72 0.38
C ALA A 263 -12.45 -24.51 -0.44
N SER A 264 -13.70 -24.07 -0.40
CA SER A 264 -14.76 -24.72 -1.16
C SER A 264 -14.42 -24.59 -2.64
N ASN A 265 -14.12 -23.37 -3.06
CA ASN A 265 -13.79 -23.11 -4.46
C ASN A 265 -12.67 -24.02 -4.95
N ALA A 266 -11.68 -24.27 -4.10
CA ALA A 266 -10.54 -25.11 -4.46
C ALA A 266 -10.86 -26.60 -4.34
N GLY A 267 -12.05 -26.91 -3.82
CA GLY A 267 -12.45 -28.30 -3.66
C GLY A 267 -11.92 -28.92 -2.39
N CYS A 268 -11.73 -28.08 -1.37
CA CYS A 268 -11.22 -28.52 -0.08
C CYS A 268 -12.26 -28.38 1.02
N GLY A 269 -13.51 -28.17 0.62
CA GLY A 269 -14.58 -28.00 1.59
C GLY A 269 -14.87 -29.22 2.46
N SER A 270 -14.39 -30.40 2.05
CA SER A 270 -14.63 -31.63 2.82
C SER A 270 -13.36 -32.13 3.51
N ALA A 271 -12.33 -31.30 3.56
CA ALA A 271 -11.09 -31.70 4.21
C ALA A 271 -11.18 -31.34 5.67
N SER A 272 -10.74 -32.25 6.53
CA SER A 272 -10.75 -32.00 7.96
C SER A 272 -9.70 -30.94 8.27
N ASP A 273 -8.67 -30.88 7.43
CA ASP A 273 -7.61 -29.88 7.56
C ASP A 273 -7.56 -29.12 6.24
N LYS A 274 -8.40 -28.09 6.15
CA LYS A 274 -8.48 -27.28 4.96
C LYS A 274 -7.19 -26.58 4.56
N LEU A 275 -6.40 -26.20 5.55
CA LEU A 275 -5.14 -25.52 5.29
C LEU A 275 -4.15 -26.43 4.55
N ALA A 276 -4.03 -27.67 5.00
CA ALA A 276 -3.11 -28.62 4.35
C ALA A 276 -3.61 -29.00 2.95
N CYS A 277 -4.93 -28.97 2.78
CA CYS A 277 -5.52 -29.29 1.50
C CYS A 277 -5.20 -28.19 0.49
N LEU A 278 -5.21 -26.94 0.96
CA LEU A 278 -4.92 -25.82 0.07
C LEU A 278 -3.46 -25.82 -0.36
N ARG A 279 -2.58 -26.36 0.49
CA ARG A 279 -1.16 -26.43 0.18
C ARG A 279 -0.93 -27.56 -0.81
N GLY A 280 -1.95 -28.37 -1.02
CA GLY A 280 -1.83 -29.49 -1.93
C GLY A 280 -2.31 -29.25 -3.35
N VAL A 281 -3.23 -28.30 -3.55
CA VAL A 281 -3.74 -28.03 -4.89
C VAL A 281 -2.70 -27.35 -5.78
N SER A 282 -2.85 -27.52 -7.08
CA SER A 282 -1.91 -26.92 -8.03
C SER A 282 -2.07 -25.41 -8.07
N SER A 283 -1.11 -24.73 -8.70
CA SER A 283 -1.13 -23.29 -8.84
C SER A 283 -2.41 -22.84 -9.53
N ASP A 284 -2.72 -23.46 -10.67
CA ASP A 284 -3.91 -23.10 -11.42
C ASP A 284 -5.18 -23.19 -10.56
N THR A 285 -5.36 -24.30 -9.86
CA THR A 285 -6.53 -24.50 -9.02
C THR A 285 -6.67 -23.36 -8.01
N LEU A 286 -5.59 -23.07 -7.32
CA LEU A 286 -5.57 -22.00 -6.34
C LEU A 286 -5.86 -20.66 -7.00
N GLU A 287 -5.23 -20.41 -8.15
CA GLU A 287 -5.45 -19.17 -8.85
C GLU A 287 -6.92 -19.01 -9.20
N ASP A 288 -7.51 -20.08 -9.73
CA ASP A 288 -8.93 -20.05 -10.12
C ASP A 288 -9.84 -19.88 -8.91
N ALA A 289 -9.53 -20.58 -7.84
CA ALA A 289 -10.35 -20.49 -6.63
C ALA A 289 -10.29 -19.07 -6.09
N THR A 290 -9.11 -18.46 -6.16
CA THR A 290 -8.92 -17.12 -5.66
C THR A 290 -9.72 -16.11 -6.49
N ASN A 291 -9.70 -16.28 -7.81
CA ASN A 291 -10.43 -15.37 -8.69
C ASN A 291 -11.93 -15.50 -8.52
N ASN A 292 -12.36 -16.48 -7.73
CA ASN A 292 -13.76 -16.65 -7.48
C ASN A 292 -14.16 -16.08 -6.13
N THR A 293 -13.26 -15.30 -5.54
CA THR A 293 -13.53 -14.62 -4.29
C THR A 293 -13.50 -13.15 -4.72
N PRO A 294 -14.25 -12.29 -4.02
CA PRO A 294 -14.29 -10.87 -4.37
C PRO A 294 -12.95 -10.13 -4.49
N GLY A 295 -12.78 -9.44 -5.62
CA GLY A 295 -11.59 -8.64 -5.85
C GLY A 295 -11.93 -7.22 -5.40
N PHE A 296 -10.97 -6.30 -5.43
CA PHE A 296 -11.23 -4.95 -4.97
C PHE A 296 -12.11 -4.07 -5.88
N LEU A 297 -12.28 -4.48 -7.13
CA LEU A 297 -13.11 -3.70 -8.05
C LEU A 297 -14.52 -4.27 -8.11
N ALA A 298 -14.73 -5.40 -7.45
CA ALA A 298 -16.05 -6.03 -7.41
C ALA A 298 -16.93 -5.21 -6.45
N TYR A 299 -18.24 -5.51 -6.45
CA TYR A 299 -19.20 -4.81 -5.59
C TYR A 299 -18.74 -4.62 -4.15
N SER A 300 -18.05 -5.62 -3.60
CA SER A 300 -17.56 -5.55 -2.22
C SER A 300 -16.61 -4.37 -1.96
N SER A 301 -16.03 -3.85 -3.03
CA SER A 301 -15.15 -2.70 -2.96
C SER A 301 -14.14 -2.73 -1.81
N LEU A 302 -14.19 -1.71 -0.96
CA LEU A 302 -13.27 -1.58 0.18
C LEU A 302 -13.31 -2.71 1.21
N ARG A 303 -14.38 -3.49 1.25
CA ARG A 303 -14.47 -4.61 2.18
C ARG A 303 -13.64 -5.70 1.48
N LEU A 304 -12.32 -5.54 1.55
CA LEU A 304 -11.38 -6.46 0.91
C LEU A 304 -11.37 -7.89 1.41
N SER A 305 -11.20 -8.81 0.48
CA SER A 305 -11.13 -10.22 0.79
C SER A 305 -9.77 -10.55 1.43
N TYR A 306 -8.75 -9.77 1.07
CA TYR A 306 -7.40 -10.00 1.59
C TYR A 306 -6.76 -8.70 2.01
N LEU A 307 -6.23 -8.65 3.23
CA LEU A 307 -5.58 -7.44 3.73
C LEU A 307 -4.97 -7.68 5.11
N PRO A 308 -4.08 -6.78 5.58
CA PRO A 308 -3.46 -6.95 6.89
C PRO A 308 -4.50 -6.96 8.00
N ARG A 309 -4.39 -7.93 8.89
CA ARG A 309 -5.32 -8.04 10.00
C ARG A 309 -4.53 -8.29 11.29
N PRO A 310 -4.94 -7.64 12.40
CA PRO A 310 -4.24 -7.83 13.67
C PRO A 310 -4.21 -9.33 14.02
N ASP A 311 -3.04 -9.83 14.39
CA ASP A 311 -2.92 -11.26 14.71
C ASP A 311 -2.67 -11.52 16.20
N GLY A 312 -2.41 -10.46 16.96
CA GLY A 312 -2.15 -10.61 18.38
C GLY A 312 -0.71 -11.02 18.67
N VAL A 313 0.12 -11.06 17.62
CA VAL A 313 1.53 -11.43 17.77
C VAL A 313 2.46 -10.37 17.19
N ASN A 314 2.34 -10.07 15.90
CA ASN A 314 3.20 -9.06 15.28
C ASN A 314 2.48 -7.72 15.13
N ILE A 315 1.15 -7.79 15.17
CA ILE A 315 0.29 -6.62 15.14
C ILE A 315 -0.64 -7.03 16.27
N THR A 316 -0.23 -6.68 17.49
CA THR A 316 -0.91 -7.06 18.72
C THR A 316 -2.35 -6.65 18.93
N ASP A 317 -2.86 -5.70 18.16
CA ASP A 317 -4.22 -5.29 18.39
C ASP A 317 -4.79 -4.36 17.32
N ASP A 318 -6.03 -3.95 17.55
CA ASP A 318 -6.75 -3.01 16.69
C ASP A 318 -5.74 -1.92 16.34
N MET A 319 -5.57 -1.65 15.04
CA MET A 319 -4.60 -0.66 14.60
C MET A 319 -4.85 0.78 15.02
N TYR A 320 -6.10 1.18 15.15
CA TYR A 320 -6.39 2.54 15.60
C TYR A 320 -6.06 2.61 17.10
N ALA A 321 -6.26 1.49 17.80
CA ALA A 321 -5.97 1.41 19.22
C ALA A 321 -4.46 1.45 19.47
N LEU A 322 -3.69 0.80 18.62
CA LEU A 322 -2.23 0.78 18.77
C LEU A 322 -1.67 2.19 18.71
N VAL A 323 -2.29 3.02 17.87
CA VAL A 323 -1.86 4.40 17.69
C VAL A 323 -2.23 5.25 18.91
N ARG A 324 -3.44 5.11 19.41
CA ARG A 324 -3.86 5.87 20.59
C ARG A 324 -2.97 5.46 21.76
N GLU A 325 -2.67 4.17 21.84
CA GLU A 325 -1.86 3.64 22.93
C GLU A 325 -0.37 3.86 22.76
N GLY A 326 0.00 4.61 21.72
CA GLY A 326 1.39 4.91 21.47
C GLY A 326 2.30 3.73 21.17
N LYS A 327 1.75 2.59 20.76
CA LYS A 327 2.61 1.45 20.46
C LYS A 327 3.13 1.49 19.03
N TYR A 328 4.07 2.38 18.76
CA TYR A 328 4.65 2.54 17.44
C TYR A 328 6.10 3.01 17.48
N ALA A 329 6.79 2.87 16.36
CA ALA A 329 8.18 3.31 16.26
C ALA A 329 8.16 4.83 16.26
N ASN A 330 9.23 5.43 16.75
CA ASN A 330 9.34 6.88 16.84
C ASN A 330 10.16 7.47 15.71
N ILE A 331 9.49 7.79 14.61
CA ILE A 331 10.19 8.34 13.45
C ILE A 331 9.46 9.52 12.82
N PRO A 332 10.19 10.37 12.10
CA PRO A 332 9.52 11.51 11.47
C PRO A 332 8.73 10.92 10.31
N VAL A 333 7.60 11.53 9.95
CA VAL A 333 6.80 10.99 8.86
C VAL A 333 6.14 12.03 7.97
N ILE A 334 5.82 11.59 6.75
CA ILE A 334 5.12 12.41 5.79
C ILE A 334 3.95 11.52 5.39
N ILE A 335 2.73 12.04 5.47
CA ILE A 335 1.56 11.28 5.09
C ILE A 335 0.59 12.23 4.40
N GLY A 336 0.15 11.87 3.20
CA GLY A 336 -0.75 12.73 2.46
C GLY A 336 -1.80 11.97 1.67
N ASP A 337 -2.64 12.71 0.95
CA ASP A 337 -3.70 12.12 0.15
C ASP A 337 -3.99 12.90 -1.11
N GLN A 338 -4.70 12.25 -2.02
CA GLN A 338 -5.14 12.87 -3.25
C GLN A 338 -6.55 13.34 -2.86
N ASN A 339 -6.97 14.49 -3.38
CA ASN A 339 -8.28 15.04 -3.01
C ASN A 339 -9.44 14.05 -3.13
N ASP A 340 -9.54 13.35 -4.26
CA ASP A 340 -10.65 12.43 -4.46
C ASP A 340 -10.22 10.96 -4.49
N GLU A 341 -9.82 10.47 -3.32
CA GLU A 341 -9.36 9.10 -3.17
C GLU A 341 -10.40 8.03 -3.46
N GLY A 342 -11.66 8.32 -3.15
CA GLY A 342 -12.72 7.34 -3.33
C GLY A 342 -13.49 7.19 -4.62
N THR A 343 -13.32 8.09 -5.58
CA THR A 343 -14.06 7.99 -6.83
C THR A 343 -13.85 6.67 -7.56
N PHE A 344 -12.66 6.11 -7.47
CA PHE A 344 -12.38 4.85 -8.14
C PHE A 344 -13.24 3.73 -7.58
N PHE A 345 -13.26 3.65 -6.25
CA PHE A 345 -14.00 2.63 -5.56
C PHE A 345 -15.51 2.81 -5.71
N GLY A 346 -15.94 4.05 -5.92
CA GLY A 346 -17.35 4.31 -6.07
C GLY A 346 -17.94 3.79 -7.37
N THR A 347 -17.09 3.46 -8.32
CA THR A 347 -17.57 2.96 -9.61
C THR A 347 -17.98 1.49 -9.53
N SER A 348 -17.64 0.84 -8.41
CA SER A 348 -17.95 -0.56 -8.17
C SER A 348 -19.38 -0.77 -7.69
N SER A 349 -20.05 0.31 -7.32
CA SER A 349 -21.42 0.19 -6.83
C SER A 349 -22.37 1.14 -7.54
N LEU A 350 -22.24 1.23 -8.86
CA LEU A 350 -23.10 2.11 -9.64
C LEU A 350 -24.52 1.57 -9.81
N ASN A 351 -24.81 0.44 -9.14
CA ASN A 351 -26.14 -0.18 -9.16
C ASN A 351 -26.97 0.41 -8.02
N VAL A 352 -26.31 1.19 -7.17
CA VAL A 352 -26.96 1.82 -6.01
C VAL A 352 -27.38 3.23 -6.41
N THR A 353 -28.69 3.47 -6.48
CA THR A 353 -29.18 4.76 -6.92
C THR A 353 -30.07 5.51 -5.95
N THR A 354 -30.61 4.81 -4.95
CA THR A 354 -31.50 5.45 -3.98
C THR A 354 -30.88 5.47 -2.59
N ASP A 355 -31.41 6.32 -1.73
CA ASP A 355 -30.88 6.41 -0.38
C ASP A 355 -31.05 5.09 0.34
N ALA A 356 -32.19 4.44 0.14
CA ALA A 356 -32.45 3.17 0.79
C ALA A 356 -31.41 2.14 0.36
N GLN A 357 -31.07 2.11 -0.92
CA GLN A 357 -30.07 1.15 -1.39
C GLN A 357 -28.68 1.54 -0.88
N ALA A 358 -28.47 2.84 -0.68
CA ALA A 358 -27.20 3.34 -0.18
C ALA A 358 -27.02 2.87 1.26
N ARG A 359 -28.09 3.02 2.05
CA ARG A 359 -28.07 2.59 3.45
C ARG A 359 -27.82 1.09 3.52
N GLU A 360 -28.45 0.34 2.61
CA GLU A 360 -28.30 -1.10 2.58
C GLU A 360 -26.85 -1.47 2.24
N TYR A 361 -26.29 -0.80 1.25
CA TYR A 361 -24.93 -1.06 0.82
C TYR A 361 -23.94 -0.82 1.97
N PHE A 362 -24.18 0.23 2.75
CA PHE A 362 -23.32 0.55 3.87
C PHE A 362 -23.49 -0.49 4.98
N LYS A 363 -24.72 -0.94 5.22
CA LYS A 363 -24.95 -1.95 6.26
C LYS A 363 -24.22 -3.24 5.92
N GLN A 364 -24.19 -3.60 4.65
CA GLN A 364 -23.52 -4.80 4.20
C GLN A 364 -22.01 -4.66 4.31
N SER A 365 -21.51 -3.49 3.95
CA SER A 365 -20.08 -3.23 3.99
C SER A 365 -19.48 -3.21 5.39
N PHE A 366 -20.19 -2.57 6.31
CA PHE A 366 -19.73 -2.46 7.69
C PHE A 366 -20.70 -3.18 8.61
N VAL A 367 -20.46 -4.48 8.81
CA VAL A 367 -21.34 -5.30 9.63
C VAL A 367 -21.40 -4.95 11.11
N HIS A 368 -20.39 -4.24 11.62
CA HIS A 368 -20.37 -3.86 13.04
C HIS A 368 -21.11 -2.56 13.34
N ALA A 369 -21.56 -1.86 12.30
CA ALA A 369 -22.23 -0.57 12.49
C ALA A 369 -23.71 -0.70 12.87
N SER A 370 -24.13 0.04 13.89
CA SER A 370 -25.51 0.03 14.35
C SER A 370 -26.30 0.96 13.45
N ASP A 371 -27.62 0.79 13.41
CA ASP A 371 -28.44 1.65 12.57
C ASP A 371 -28.23 3.11 12.92
N ALA A 372 -28.06 3.40 14.21
CA ALA A 372 -27.84 4.77 14.65
C ALA A 372 -26.56 5.29 13.98
N GLU A 373 -25.50 4.50 14.04
CA GLU A 373 -24.23 4.87 13.44
C GLU A 373 -24.37 5.07 11.95
N ILE A 374 -25.17 4.25 11.29
CA ILE A 374 -25.39 4.39 9.85
C ILE A 374 -26.14 5.68 9.56
N ASP A 375 -27.15 5.99 10.37
CA ASP A 375 -27.92 7.21 10.18
C ASP A 375 -27.02 8.44 10.31
N THR A 376 -26.10 8.38 11.27
CA THR A 376 -25.16 9.46 11.50
C THR A 376 -24.25 9.66 10.29
N LEU A 377 -23.79 8.55 9.70
CA LEU A 377 -22.92 8.61 8.54
C LEU A 377 -23.62 9.27 7.37
N MET A 378 -24.88 8.87 7.16
CA MET A 378 -25.67 9.41 6.07
C MET A 378 -26.11 10.86 6.28
N THR A 379 -25.88 11.36 7.48
CA THR A 379 -26.20 12.75 7.80
C THR A 379 -24.92 13.54 7.53
N ALA A 380 -23.80 12.97 7.96
CA ALA A 380 -22.49 13.57 7.76
C ALA A 380 -22.16 13.58 6.26
N TYR A 381 -22.63 12.55 5.55
CA TYR A 381 -22.42 12.45 4.09
C TYR A 381 -23.80 12.37 3.47
N PRO A 382 -24.41 13.55 3.20
CA PRO A 382 -25.74 13.72 2.61
C PRO A 382 -25.85 13.34 1.13
N GLY A 383 -27.09 13.14 0.69
CA GLY A 383 -27.34 12.78 -0.69
C GLY A 383 -26.94 13.91 -1.63
N ASP A 384 -27.16 15.15 -1.20
CA ASP A 384 -26.82 16.34 -1.98
C ASP A 384 -25.60 16.07 -2.87
N ILE A 385 -25.82 15.93 -4.17
CA ILE A 385 -24.73 15.63 -5.09
C ILE A 385 -23.64 16.67 -5.16
N THR A 386 -23.95 17.91 -4.78
CA THR A 386 -22.95 18.97 -4.81
C THR A 386 -21.95 18.81 -3.67
N GLN A 387 -22.21 17.90 -2.76
CA GLN A 387 -21.34 17.74 -1.60
C GLN A 387 -20.37 16.55 -1.63
N GLY A 388 -20.53 15.66 -2.61
CA GLY A 388 -19.66 14.51 -2.70
C GLY A 388 -18.40 14.69 -3.53
N SER A 389 -17.68 13.59 -3.70
CA SER A 389 -16.44 13.58 -4.49
C SER A 389 -16.76 13.09 -5.90
N PRO A 390 -16.16 13.69 -6.94
CA PRO A 390 -15.20 14.80 -6.98
C PRO A 390 -15.68 16.04 -6.24
N PHE A 391 -14.96 16.41 -5.18
CA PHE A 391 -15.33 17.56 -4.37
C PHE A 391 -15.24 18.90 -5.12
N ASP A 392 -16.17 19.79 -4.79
CA ASP A 392 -16.23 21.13 -5.38
C ASP A 392 -16.53 21.13 -6.87
N THR A 393 -17.37 20.21 -7.34
CA THR A 393 -17.72 20.19 -8.75
C THR A 393 -19.24 20.32 -8.94
N GLY A 394 -19.90 20.91 -7.93
CA GLY A 394 -21.34 21.13 -7.98
C GLY A 394 -22.21 19.97 -8.43
N ILE A 395 -23.01 20.20 -9.47
CA ILE A 395 -23.91 19.16 -9.96
C ILE A 395 -23.27 18.24 -11.00
N LEU A 396 -21.98 18.44 -11.26
CA LEU A 396 -21.29 17.61 -12.22
C LEU A 396 -20.92 16.25 -11.63
N ASN A 397 -20.66 15.30 -12.53
CA ASN A 397 -20.24 13.95 -12.15
C ASN A 397 -21.30 13.13 -11.42
N ALA A 398 -22.57 13.41 -11.71
CA ALA A 398 -23.66 12.68 -11.06
C ALA A 398 -24.00 11.41 -11.84
N LEU A 399 -23.10 10.42 -11.82
CA LEU A 399 -23.35 9.18 -12.53
C LEU A 399 -24.67 8.62 -12.04
N THR A 400 -24.86 8.70 -10.73
CA THR A 400 -26.08 8.27 -10.07
C THR A 400 -26.31 9.27 -8.94
N PRO A 401 -27.47 9.22 -8.30
CA PRO A 401 -27.70 10.17 -7.21
C PRO A 401 -26.84 9.86 -5.99
N GLN A 402 -26.23 8.66 -5.96
CA GLN A 402 -25.42 8.24 -4.82
C GLN A 402 -23.91 8.15 -5.05
N PHE A 403 -23.47 8.15 -6.31
CA PHE A 403 -22.03 8.02 -6.63
C PHE A 403 -21.05 8.92 -5.89
N LYS A 404 -21.32 10.22 -5.88
CA LYS A 404 -20.43 11.16 -5.21
C LYS A 404 -20.42 10.98 -3.69
N ARG A 405 -21.54 10.48 -3.17
CA ARG A 405 -21.72 10.24 -1.73
C ARG A 405 -20.92 9.02 -1.29
N ILE A 406 -21.12 7.92 -1.99
CA ILE A 406 -20.42 6.67 -1.70
C ILE A 406 -18.90 6.88 -1.91
N SER A 407 -18.53 7.64 -2.94
CA SER A 407 -17.13 7.94 -3.23
C SER A 407 -16.50 8.72 -2.08
N ALA A 408 -17.23 9.69 -1.53
CA ALA A 408 -16.74 10.51 -0.43
C ALA A 408 -16.51 9.66 0.82
N VAL A 409 -17.51 8.86 1.19
CA VAL A 409 -17.41 8.00 2.37
C VAL A 409 -16.22 7.03 2.29
N LEU A 410 -16.18 6.23 1.23
CA LEU A 410 -15.12 5.26 1.03
C LEU A 410 -13.75 5.93 1.01
N GLY A 411 -13.67 7.08 0.35
CA GLY A 411 -12.42 7.81 0.28
C GLY A 411 -11.91 8.28 1.62
N ASP A 412 -12.82 8.74 2.47
CA ASP A 412 -12.45 9.25 3.79
C ASP A 412 -12.09 8.19 4.81
N LEU A 413 -12.91 7.15 4.91
CA LEU A 413 -12.64 6.07 5.86
C LEU A 413 -11.35 5.35 5.52
N GLY A 414 -11.20 4.97 4.26
CA GLY A 414 -10.01 4.27 3.84
C GLY A 414 -8.72 5.06 3.80
N PHE A 415 -8.80 6.37 3.53
CA PHE A 415 -7.57 7.16 3.41
C PHE A 415 -7.48 8.56 4.01
N THR A 416 -8.19 9.51 3.39
CA THR A 416 -8.16 10.92 3.78
C THR A 416 -8.40 11.33 5.25
N LEU A 417 -9.46 10.84 5.86
CA LEU A 417 -9.71 11.18 7.26
C LEU A 417 -9.00 10.20 8.18
N ALA A 418 -8.71 9.01 7.66
CA ALA A 418 -7.98 8.00 8.44
C ALA A 418 -6.62 8.63 8.80
N ARG A 419 -6.08 9.39 7.84
CA ARG A 419 -4.80 10.10 7.98
C ARG A 419 -4.86 11.13 9.12
N ARG A 420 -5.95 11.87 9.21
CA ARG A 420 -6.12 12.87 10.24
C ARG A 420 -6.12 12.23 11.63
N TYR A 421 -6.78 11.10 11.76
CA TYR A 421 -6.84 10.38 13.03
C TYR A 421 -5.43 10.02 13.47
N PHE A 422 -4.63 9.52 12.53
CA PHE A 422 -3.26 9.16 12.84
C PHE A 422 -2.46 10.39 13.28
N LEU A 423 -2.55 11.47 12.50
CA LEU A 423 -1.84 12.71 12.79
C LEU A 423 -2.24 13.35 14.10
N ASN A 424 -3.49 13.12 14.51
CA ASN A 424 -3.99 13.69 15.76
C ASN A 424 -3.60 12.87 16.99
N HIS A 425 -3.00 11.71 16.79
CA HIS A 425 -2.61 10.88 17.93
C HIS A 425 -1.15 10.50 17.95
N TYR A 426 -0.48 10.66 16.82
CA TYR A 426 0.93 10.29 16.71
C TYR A 426 1.90 11.33 17.24
N THR A 427 2.72 10.92 18.21
CA THR A 427 3.72 11.80 18.79
C THR A 427 5.10 11.18 18.60
N GLY A 428 5.16 10.18 17.72
CA GLY A 428 6.42 9.49 17.46
C GLY A 428 7.53 10.40 16.96
N GLY A 429 7.19 11.37 16.12
CA GLY A 429 8.19 12.27 15.59
C GLY A 429 7.54 13.41 14.83
N THR A 430 8.36 14.22 14.14
CA THR A 430 7.84 15.35 13.36
C THR A 430 6.93 14.87 12.24
N LYS A 431 5.79 15.53 12.06
CA LYS A 431 4.85 15.15 11.03
C LYS A 431 4.63 16.20 9.94
N TYR A 432 4.59 15.74 8.70
CA TYR A 432 4.38 16.59 7.52
C TYR A 432 3.23 16.00 6.72
N SER A 433 2.29 16.83 6.28
CA SER A 433 1.16 16.31 5.53
C SER A 433 0.84 17.15 4.29
N PHE A 434 0.39 16.49 3.23
CA PHE A 434 0.01 17.15 1.99
C PHE A 434 -1.35 16.69 1.49
N LEU A 435 -1.98 17.51 0.66
CA LEU A 435 -3.27 17.19 0.07
C LEU A 435 -3.21 17.69 -1.38
N SER A 436 -3.28 16.77 -2.33
CA SER A 436 -3.20 17.15 -3.73
C SER A 436 -4.54 17.42 -4.40
N LYS A 437 -4.57 18.51 -5.16
CA LYS A 437 -5.75 18.90 -5.91
C LYS A 437 -5.22 19.18 -7.31
N GLN A 438 -4.11 18.52 -7.64
CA GLN A 438 -3.42 18.70 -8.92
C GLN A 438 -4.30 18.51 -10.15
N LEU A 439 -5.30 17.63 -10.06
CA LEU A 439 -6.17 17.35 -11.20
C LEU A 439 -7.61 17.86 -11.07
N SER A 440 -7.83 18.92 -10.29
CA SER A 440 -9.18 19.46 -10.15
C SER A 440 -9.78 19.71 -11.52
N GLY A 441 -11.00 19.23 -11.74
CA GLY A 441 -11.65 19.40 -13.02
C GLY A 441 -11.69 18.14 -13.87
N LEU A 442 -10.87 17.15 -13.55
CA LEU A 442 -10.86 15.90 -14.31
C LEU A 442 -12.21 15.22 -14.10
N PRO A 443 -13.00 15.09 -15.16
CA PRO A 443 -14.32 14.47 -15.08
C PRO A 443 -14.39 13.10 -14.43
N VAL A 444 -15.45 12.93 -13.65
CA VAL A 444 -15.76 11.69 -12.96
C VAL A 444 -14.81 11.26 -11.85
N LEU A 445 -13.51 11.34 -12.10
CA LEU A 445 -12.55 10.90 -11.09
C LEU A 445 -11.88 11.96 -10.23
N GLY A 446 -11.72 13.17 -10.76
CA GLY A 446 -11.07 14.23 -10.00
C GLY A 446 -9.60 13.92 -9.78
N THR A 447 -9.05 14.35 -8.64
CA THR A 447 -7.65 14.08 -8.30
C THR A 447 -7.71 12.69 -7.70
N PHE A 448 -7.86 11.72 -8.60
CA PHE A 448 -8.04 10.31 -8.26
C PHE A 448 -6.90 9.53 -7.61
N HIS A 449 -7.32 8.45 -6.98
CA HIS A 449 -6.46 7.52 -6.28
C HIS A 449 -5.37 7.00 -7.20
N SER A 450 -4.12 7.13 -6.73
CA SER A 450 -2.90 6.68 -7.42
C SER A 450 -2.38 7.56 -8.55
N ASN A 451 -3.00 8.72 -8.78
CA ASN A 451 -2.53 9.60 -9.85
C ASN A 451 -1.11 10.09 -9.53
N ASP A 452 -0.74 10.07 -8.25
CA ASP A 452 0.58 10.51 -7.86
C ASP A 452 1.68 9.60 -8.42
N ILE A 453 1.34 8.33 -8.69
CA ILE A 453 2.31 7.39 -9.24
C ILE A 453 2.82 7.89 -10.59
N VAL A 454 1.93 8.49 -11.37
CA VAL A 454 2.28 9.02 -12.68
C VAL A 454 3.29 10.15 -12.56
N PHE A 455 2.98 11.11 -11.68
CA PHE A 455 3.84 12.27 -11.46
C PHE A 455 5.07 11.98 -10.63
N GLN A 456 5.25 10.72 -10.24
CA GLN A 456 6.42 10.35 -9.45
C GLN A 456 7.39 9.43 -10.23
N ASP A 457 6.85 8.62 -11.15
CA ASP A 457 7.66 7.68 -11.91
C ASP A 457 7.59 7.83 -13.43
N TYR A 458 6.52 8.43 -13.94
CA TYR A 458 6.37 8.56 -15.39
C TYR A 458 6.41 9.96 -15.99
N LEU A 459 5.54 10.86 -15.52
CA LEU A 459 5.50 12.21 -16.06
C LEU A 459 5.87 13.26 -15.03
N LEU A 460 6.38 14.40 -15.50
CA LEU A 460 6.73 15.51 -14.63
C LEU A 460 5.54 16.47 -14.57
N GLY A 461 5.25 16.96 -13.36
CA GLY A 461 4.14 17.88 -13.17
C GLY A 461 4.33 18.61 -11.85
N SER A 462 3.43 19.55 -11.54
CA SER A 462 3.55 20.29 -10.28
C SER A 462 3.77 19.33 -9.11
N GLY A 463 3.02 18.22 -9.10
CA GLY A 463 3.14 17.26 -8.03
C GLY A 463 4.48 16.56 -7.93
N SER A 464 5.24 16.54 -9.02
CA SER A 464 6.54 15.90 -9.02
C SER A 464 7.47 16.64 -8.05
N LEU A 465 7.15 17.91 -7.81
CA LEU A 465 7.92 18.75 -6.90
C LEU A 465 7.85 18.17 -5.50
N ILE A 466 6.76 17.46 -5.21
CA ILE A 466 6.57 16.86 -3.90
C ILE A 466 6.92 15.37 -3.92
N TYR A 467 6.37 14.64 -4.89
CA TYR A 467 6.60 13.20 -5.00
C TYR A 467 8.04 12.84 -5.31
N ASN A 468 8.81 13.81 -5.77
CA ASN A 468 10.22 13.57 -6.07
C ASN A 468 11.10 14.42 -5.16
N ASN A 469 11.26 15.68 -5.52
CA ASN A 469 12.10 16.62 -4.77
C ASN A 469 11.93 16.59 -3.26
N ALA A 470 10.73 16.93 -2.79
CA ALA A 470 10.47 16.97 -1.35
C ALA A 470 10.77 15.64 -0.68
N PHE A 471 10.38 14.54 -1.32
CA PHE A 471 10.59 13.21 -0.77
C PHE A 471 12.08 12.85 -0.70
N ILE A 472 12.83 13.25 -1.71
CA ILE A 472 14.27 12.99 -1.76
C ILE A 472 14.96 13.78 -0.64
N ALA A 473 14.54 15.03 -0.45
CA ALA A 473 15.11 15.87 0.60
C ALA A 473 14.84 15.27 1.98
N PHE A 474 13.63 14.75 2.15
CA PHE A 474 13.22 14.14 3.41
C PHE A 474 14.08 12.92 3.72
N ALA A 475 14.18 11.98 2.78
CA ALA A 475 14.99 10.78 2.99
C ALA A 475 16.45 11.12 3.27
N THR A 476 16.90 12.25 2.72
CA THR A 476 18.27 12.68 2.89
C THR A 476 18.52 13.45 4.19
N ASP A 477 17.71 14.46 4.46
CA ASP A 477 17.90 15.28 5.66
C ASP A 477 16.82 15.16 6.72
N LEU A 478 15.74 14.44 6.40
CA LEU A 478 14.62 14.27 7.33
C LEU A 478 13.78 15.55 7.44
N ASP A 479 13.90 16.40 6.43
CA ASP A 479 13.17 17.66 6.37
C ASP A 479 12.91 17.94 4.89
N PRO A 480 11.64 17.97 4.47
CA PRO A 480 11.33 18.23 3.06
C PRO A 480 11.76 19.62 2.60
N ASN A 481 11.91 20.53 3.56
CA ASN A 481 12.28 21.91 3.26
C ASN A 481 13.71 22.12 2.74
N THR A 482 14.54 21.10 2.75
CA THR A 482 15.90 21.29 2.24
C THR A 482 15.90 21.11 0.73
N ALA A 483 14.75 20.75 0.18
CA ALA A 483 14.59 20.55 -1.26
C ALA A 483 14.71 21.88 -1.98
N GLY A 484 14.52 22.96 -1.25
CA GLY A 484 14.62 24.28 -1.84
C GLY A 484 13.37 24.67 -2.60
N LEU A 485 12.21 24.38 -2.03
CA LEU A 485 10.94 24.75 -2.66
C LEU A 485 10.62 26.18 -2.25
N LEU A 486 9.91 26.89 -3.12
CA LEU A 486 9.53 28.27 -2.84
C LEU A 486 8.52 28.37 -1.71
N VAL A 487 7.70 27.34 -1.57
CA VAL A 487 6.70 27.32 -0.51
C VAL A 487 7.21 26.47 0.65
N LYS A 488 7.25 27.05 1.84
CA LYS A 488 7.72 26.33 3.01
C LYS A 488 6.66 25.32 3.46
N TRP A 489 7.10 24.10 3.76
CA TRP A 489 6.17 23.06 4.19
C TRP A 489 6.04 23.13 5.71
N PRO A 490 4.88 23.59 6.21
CA PRO A 490 4.65 23.70 7.66
C PRO A 490 4.53 22.35 8.38
N GLU A 491 4.95 22.33 9.63
CA GLU A 491 4.88 21.13 10.44
C GLU A 491 3.43 20.91 10.87
N TYR A 492 3.01 19.65 10.93
CA TYR A 492 1.65 19.33 11.34
C TYR A 492 1.67 18.86 12.78
N THR A 493 0.87 19.49 13.63
CA THR A 493 0.81 19.08 15.03
C THR A 493 -0.58 18.57 15.38
N SER A 494 -1.61 19.23 14.85
CA SER A 494 -2.98 18.85 15.13
C SER A 494 -3.95 19.39 14.10
N SER A 495 -5.03 18.66 13.83
CA SER A 495 -6.02 19.11 12.87
C SER A 495 -6.73 20.33 13.45
N SER A 496 -6.47 20.57 14.74
CA SER A 496 -7.09 21.67 15.44
C SER A 496 -6.15 22.88 15.64
N GLN A 497 -4.94 22.79 15.11
CA GLN A 497 -3.99 23.88 15.26
C GLN A 497 -4.39 25.07 14.40
N SER A 498 -3.95 26.27 14.78
CA SER A 498 -4.28 27.45 14.00
C SER A 498 -3.16 27.59 12.97
N GLY A 499 -3.45 28.28 11.87
CA GLY A 499 -2.45 28.42 10.83
C GLY A 499 -2.45 27.20 9.93
N ASN A 500 -1.99 27.38 8.70
CA ASN A 500 -1.95 26.29 7.74
C ASN A 500 -1.02 25.17 8.20
N ASN A 501 -1.43 23.94 7.96
CA ASN A 501 -0.64 22.79 8.35
C ASN A 501 -0.60 21.74 7.25
N LEU A 502 -1.03 22.13 6.05
CA LEU A 502 -1.03 21.23 4.91
C LEU A 502 -0.38 21.80 3.65
N MET A 503 0.50 21.02 3.05
CA MET A 503 1.13 21.42 1.80
C MET A 503 0.06 21.05 0.77
N MET A 504 -0.28 22.00 -0.08
CA MET A 504 -1.30 21.80 -1.10
C MET A 504 -0.67 21.85 -2.47
N ILE A 505 -1.28 21.16 -3.42
CA ILE A 505 -0.78 21.12 -4.79
C ILE A 505 -1.89 21.30 -5.82
N ASN A 506 -1.73 22.27 -6.69
CA ASN A 506 -2.71 22.44 -7.75
C ASN A 506 -1.94 22.29 -9.06
N ALA A 507 -2.61 22.54 -10.18
CA ALA A 507 -1.96 22.42 -11.47
C ALA A 507 -0.78 23.37 -11.67
N LEU A 508 -0.87 24.57 -11.11
CA LEU A 508 0.20 25.56 -11.27
C LEU A 508 1.37 25.35 -10.34
N GLY A 509 1.12 24.86 -9.13
CA GLY A 509 2.21 24.64 -8.20
C GLY A 509 1.82 24.27 -6.78
N LEU A 510 2.43 24.96 -5.82
CA LEU A 510 2.21 24.68 -4.41
C LEU A 510 1.66 25.87 -3.60
N TYR A 511 1.02 25.55 -2.49
CA TYR A 511 0.47 26.54 -1.57
C TYR A 511 0.08 25.77 -0.31
N THR A 512 -0.26 26.46 0.75
CA THR A 512 -0.63 25.78 1.99
C THR A 512 -2.09 26.01 2.35
N GLY A 513 -2.64 25.05 3.09
CA GLY A 513 -4.04 25.12 3.51
C GLY A 513 -4.22 24.44 4.86
N LYS A 514 -5.47 24.23 5.24
CA LYS A 514 -5.77 23.63 6.52
C LYS A 514 -6.49 22.28 6.45
N ASP A 515 -6.15 21.40 7.38
CA ASP A 515 -6.75 20.08 7.45
C ASP A 515 -7.97 20.15 8.36
N ASN A 516 -8.97 20.92 7.95
CA ASN A 516 -10.17 21.09 8.77
C ASN A 516 -11.48 20.86 8.01
N PHE A 517 -11.43 20.08 6.94
CA PHE A 517 -12.63 19.80 6.16
C PHE A 517 -13.36 18.53 6.63
N ARG A 518 -14.67 18.50 6.36
CA ARG A 518 -15.54 17.38 6.72
C ARG A 518 -15.33 16.85 8.14
N THR A 519 -15.42 17.75 9.11
CA THR A 519 -15.26 17.38 10.51
C THR A 519 -16.39 16.48 11.00
N ALA A 520 -17.57 16.65 10.41
CA ALA A 520 -18.74 15.86 10.78
C ALA A 520 -18.53 14.39 10.37
N GLY A 521 -17.93 14.19 9.20
CA GLY A 521 -17.66 12.85 8.74
C GLY A 521 -16.61 12.21 9.64
N TYR A 522 -15.61 13.01 10.00
CA TYR A 522 -14.54 12.54 10.89
C TYR A 522 -15.12 11.97 12.18
N ASP A 523 -16.02 12.71 12.81
CA ASP A 523 -16.65 12.25 14.06
C ASP A 523 -17.58 11.07 13.81
N ALA A 524 -18.37 11.15 12.76
CA ALA A 524 -19.30 10.08 12.42
C ALA A 524 -18.55 8.80 12.13
N LEU A 525 -17.33 8.94 11.64
CA LEU A 525 -16.50 7.81 11.27
C LEU A 525 -15.55 7.27 12.35
N PHE A 526 -14.94 8.16 13.13
CA PHE A 526 -13.97 7.72 14.11
C PHE A 526 -14.30 7.88 15.60
N SER A 527 -15.56 8.07 15.93
CA SER A 527 -15.94 8.17 17.35
C SER A 527 -15.62 6.82 17.94
N ASN A 528 -15.97 5.78 17.19
CA ASN A 528 -15.71 4.41 17.57
C ASN A 528 -15.31 3.72 16.28
N PRO A 529 -14.02 3.81 15.93
CA PRO A 529 -13.45 3.22 14.71
C PRO A 529 -13.87 1.77 14.39
N PRO A 530 -13.85 0.88 15.39
CA PRO A 530 -14.23 -0.53 15.19
C PRO A 530 -15.60 -0.76 14.57
N SER A 531 -16.49 0.23 14.70
CA SER A 531 -17.84 0.11 14.15
C SER A 531 -17.79 0.10 12.62
N PHE A 532 -16.63 0.44 12.07
CA PHE A 532 -16.47 0.49 10.63
C PHE A 532 -15.31 -0.35 10.09
N PHE A 533 -14.96 -1.40 10.81
CA PHE A 533 -13.89 -2.29 10.38
C PHE A 533 -14.46 -3.37 9.47
N VAL A 534 -13.58 -4.03 8.72
CA VAL A 534 -13.98 -5.10 7.83
C VAL A 534 -13.21 -6.36 8.15
C1 NAG B . -26.34 -4.29 -7.42
C2 NAG B . -27.35 -4.89 -6.40
C3 NAG B . -26.73 -5.89 -5.41
C4 NAG B . -25.83 -6.88 -6.12
C5 NAG B . -24.76 -6.06 -6.82
C6 NAG B . -23.67 -6.92 -7.47
C7 NAG B . -29.02 -3.21 -6.03
C8 NAG B . -29.57 -2.08 -5.17
N2 NAG B . -27.91 -3.80 -5.63
O3 NAG B . -27.77 -6.59 -4.74
O4 NAG B . -25.24 -7.78 -5.15
O5 NAG B . -25.35 -5.25 -7.87
O6 NAG B . -24.21 -8.13 -7.98
O7 NAG B . -29.62 -3.54 -7.06
C1 NAG B . -25.28 -9.15 -5.40
C2 NAG B . -24.55 -9.90 -4.28
C3 NAG B . -24.71 -11.42 -4.42
C4 NAG B . -26.17 -11.81 -4.58
C5 NAG B . -26.79 -10.98 -5.72
C6 NAG B . -28.27 -11.26 -5.88
C7 NAG B . -22.54 -9.20 -3.17
C8 NAG B . -21.03 -9.37 -3.11
N2 NAG B . -23.14 -9.55 -4.29
O3 NAG B . -24.19 -12.06 -3.26
O4 NAG B . -26.28 -13.20 -4.86
O5 NAG B . -26.65 -9.57 -5.45
O6 NAG B . -28.96 -11.11 -4.64
O7 NAG B . -23.15 -8.77 -2.19
C1 NAG C . 6.12 -12.13 15.24
C2 NAG C . 7.57 -11.77 14.92
C3 NAG C . 8.48 -12.67 15.79
C4 NAG C . 8.13 -12.53 17.26
C5 NAG C . 6.61 -12.67 17.51
C6 NAG C . 6.21 -12.28 18.92
C7 NAG C . 8.46 -10.97 12.85
C8 NAG C . 8.56 -11.13 11.34
N2 NAG C . 7.87 -11.95 13.51
O3 NAG C . 9.84 -12.33 15.60
O4 NAG C . 8.82 -13.52 18.01
O5 NAG C . 5.86 -11.82 16.61
O6 NAG C . 7.34 -11.90 19.69
O7 NAG C . 8.93 -9.97 13.39
CA CA D . -14.31 -22.18 9.18
CA CA E . 5.32 4.51 23.19
C1 IAN F . -6.36 0.00 -2.09
O1 IAN F . -3.87 1.44 -5.15
P1 IAN F . -4.23 0.92 -3.67
C2 IAN F . -5.33 -0.19 -1.11
C3 IAN F . -5.64 -0.59 0.22
O3 IAN F . -6.16 -0.57 -4.61
C4 IAN F . -7.00 -0.82 0.60
O4 IAN F . -3.38 -0.28 -3.39
C5 IAN F . -8.03 -0.65 -0.35
C6 IAN F . -7.72 -0.24 -1.69
C7 IAN F . -3.79 0.61 -6.33
C8 IAN F . -6.02 0.46 -3.58
C9 IAN F . -7.48 -1.11 -4.81
#